data_3MRO
#
_entry.id   3MRO
#
_cell.length_a   53.881
_cell.length_b   81.076
_cell.length_c   57.276
_cell.angle_alpha   90.000
_cell.angle_beta   113.800
_cell.angle_gamma   90.000
#
_symmetry.space_group_name_H-M   'P 1 21 1'
#
loop_
_entity.id
_entity.type
_entity.pdbx_description
1 polymer 'HLA class I histocompatibility antigen, A-2 alpha chain'
2 polymer Beta-2-microglobulin
3 polymer '10-meric peptide from Melanoma antigen recognized by T-cells 1'
4 water water
#
loop_
_entity_poly.entity_id
_entity_poly.type
_entity_poly.pdbx_seq_one_letter_code
_entity_poly.pdbx_strand_id
1 'polypeptide(L)'
;GSHSMRYFFTSVSRPGRGEPRFIAVGYVDDTQFVRFDSDAASQRMEPRAPWIEQEGPEYWDGETRKVKAHSQTHRVDLGT
LRGYYNQSEAGSHTVQRMYGCDVGSDWRFLRGYHQYAYDGKDYIALKEDLRSWTAADMAAQTTKHKWEAAHVAEQLRAYL
EGTCVEWLRRYLENGKETLQRTDAPKTHMTHHAVSDHEATLRCWALSFYPAEITLTWQRDGEDQTQDTELVETRPAGDGT
FQKWVAVVVPSGQEQRYTCHVQHEGLPKPLTLRWEPGSLHHILDAQKMVWNHR
;
A
2 'polypeptide(L)'
;MIQRTPKIQVYSRHPAENGKSNFLNCYVSGFHPSDIEVDLLKNGERIEKVEHSDLSFSKDWSFYLLYYTEFTPTEKDEYA
CRVNHVTLSQPKIVKWDRDM
;
B
3 'polypeptide(L)' ELAGWGILTV P
#
# COMPACT_ATOMS: atom_id res chain seq x y z
N GLY A 1 -15.70 -13.74 -0.47
CA GLY A 1 -15.41 -13.48 -1.92
C GLY A 1 -14.02 -13.95 -2.29
N SER A 2 -13.35 -13.21 -3.16
CA SER A 2 -12.02 -13.58 -3.62
C SER A 2 -10.89 -13.03 -2.73
N HIS A 3 -9.72 -13.65 -2.86
CA HIS A 3 -8.61 -13.37 -2.00
C HIS A 3 -7.34 -13.34 -2.80
N SER A 4 -6.27 -12.90 -2.16
CA SER A 4 -4.99 -12.82 -2.81
C SER A 4 -3.88 -12.90 -1.77
N MET A 5 -2.73 -13.37 -2.22
CA MET A 5 -1.49 -13.28 -1.46
C MET A 5 -0.43 -12.62 -2.33
N ARG A 6 0.20 -11.55 -1.82
CA ARG A 6 1.28 -10.89 -2.52
C ARG A 6 2.48 -10.63 -1.61
N TYR A 7 3.66 -10.70 -2.23
CA TYR A 7 4.91 -10.34 -1.63
C TYR A 7 5.51 -9.17 -2.41
N PHE A 8 5.92 -8.12 -1.68
CA PHE A 8 6.61 -6.95 -2.23
C PHE A 8 8.05 -6.83 -1.67
N PHE A 9 8.99 -6.51 -2.57
CA PHE A 9 10.42 -6.53 -2.34
C PHE A 9 11.05 -5.26 -2.90
N THR A 10 11.61 -4.42 -2.01
CA THR A 10 12.33 -3.22 -2.42
C THR A 10 13.80 -3.22 -1.96
N SER A 11 14.73 -3.06 -2.90
CA SER A 11 16.15 -2.89 -2.61
C SER A 11 16.68 -1.54 -3.12
N VAL A 12 17.48 -0.87 -2.29
CA VAL A 12 17.96 0.47 -2.59
C VAL A 12 19.46 0.52 -2.33
N SER A 13 20.24 0.69 -3.39
CA SER A 13 21.69 0.73 -3.26
C SER A 13 22.14 1.87 -2.36
N ARG A 14 23.15 1.57 -1.55
CA ARG A 14 23.88 2.56 -0.73
C ARG A 14 25.31 2.71 -1.23
N PRO A 15 25.58 3.78 -1.98
CA PRO A 15 26.91 4.02 -2.56
C PRO A 15 27.96 4.51 -1.56
N GLY A 16 29.15 3.93 -1.60
CA GLY A 16 30.20 4.35 -0.69
C GLY A 16 30.56 3.34 0.38
N ARG A 17 29.56 2.59 0.84
CA ARG A 17 29.85 1.56 1.84
C ARG A 17 28.72 0.58 1.97
N GLY A 18 29.02 -0.66 1.63
CA GLY A 18 28.18 -1.78 2.04
C GLY A 18 27.05 -2.12 1.11
N GLU A 19 26.15 -2.95 1.62
CA GLU A 19 25.05 -3.56 0.86
C GLU A 19 23.81 -2.67 0.79
N PRO A 20 22.88 -3.00 -0.13
CA PRO A 20 21.62 -2.31 -0.27
C PRO A 20 20.70 -2.44 0.93
N ARG A 21 19.94 -1.39 1.18
CA ARG A 21 18.79 -1.45 2.05
C ARG A 21 17.73 -2.35 1.37
N PHE A 22 17.33 -3.40 2.06
CA PHE A 22 16.35 -4.34 1.51
C PHE A 22 15.13 -4.46 2.44
N ILE A 23 13.95 -4.23 1.88
CA ILE A 23 12.69 -4.45 2.63
C ILE A 23 11.73 -5.40 1.91
N ALA A 24 11.21 -6.38 2.66
CA ALA A 24 10.23 -7.34 2.15
C ALA A 24 8.95 -7.40 2.99
N VAL A 25 7.79 -7.36 2.33
CA VAL A 25 6.53 -7.57 3.04
C VAL A 25 5.56 -8.53 2.35
N GLY A 26 4.88 -9.34 3.15
CA GLY A 26 3.85 -10.26 2.64
C GLY A 26 2.46 -9.86 3.07
N TYR A 27 1.51 -9.97 2.13
CA TYR A 27 0.11 -9.63 2.34
C TYR A 27 -0.82 -10.79 1.99
N VAL A 28 -1.81 -11.02 2.84
CA VAL A 28 -3.00 -11.73 2.42
C VAL A 28 -4.08 -10.66 2.34
N ASP A 29 -4.68 -10.51 1.16
CA ASP A 29 -5.65 -9.45 0.91
C ASP A 29 -5.02 -8.07 1.22
N ASP A 30 -5.62 -7.33 2.15
CA ASP A 30 -5.10 -6.03 2.58
C ASP A 30 -4.46 -6.15 3.97
N THR A 31 -4.15 -7.37 4.39
CA THR A 31 -3.51 -7.58 5.70
C THR A 31 -2.08 -8.09 5.57
N GLN A 32 -1.17 -7.25 6.05
CA GLN A 32 0.25 -7.59 6.17
C GLN A 32 0.44 -8.61 7.26
N PHE A 33 1.15 -9.69 6.93
CA PHE A 33 1.43 -10.73 7.91
C PHE A 33 2.90 -10.99 8.20
N VAL A 34 3.79 -10.62 7.27
CA VAL A 34 5.23 -10.86 7.47
C VAL A 34 6.06 -9.69 6.99
N ARG A 35 7.28 -9.58 7.50
CA ARG A 35 8.21 -8.57 7.05
C ARG A 35 9.66 -9.01 7.27
N PHE A 36 10.55 -8.52 6.42
CA PHE A 36 12.01 -8.51 6.70
C PHE A 36 12.57 -7.11 6.36
N ASP A 37 13.35 -6.53 7.27
CA ASP A 37 14.06 -5.29 6.99
C ASP A 37 15.55 -5.56 7.18
N SER A 38 16.36 -5.21 6.18
CA SER A 38 17.79 -5.51 6.29
C SER A 38 18.44 -4.74 7.45
N ASP A 39 17.83 -3.64 7.89
CA ASP A 39 18.38 -2.83 8.98
C ASP A 39 17.90 -3.17 10.40
N ALA A 40 16.97 -4.11 10.52
CA ALA A 40 16.52 -4.54 11.83
C ALA A 40 17.55 -5.47 12.44
N ALA A 41 17.55 -5.55 13.76
CA ALA A 41 18.58 -6.25 14.53
C ALA A 41 18.41 -7.77 14.51
N SER A 42 17.18 -8.20 14.28
CA SER A 42 16.83 -9.58 14.43
C SER A 42 17.37 -10.40 13.28
N GLN A 43 17.33 -9.83 12.08
CA GLN A 43 17.81 -10.47 10.84
C GLN A 43 17.02 -11.74 10.47
N ARG A 44 15.78 -11.77 10.92
CA ARG A 44 14.84 -12.87 10.72
C ARG A 44 13.58 -12.31 10.09
N MET A 45 12.91 -13.12 9.29
CA MET A 45 11.54 -12.84 8.90
C MET A 45 10.66 -12.76 10.16
N GLU A 46 9.83 -11.73 10.24
CA GLU A 46 9.08 -11.43 11.45
C GLU A 46 7.58 -11.39 11.23
N PRO A 47 6.81 -11.96 12.18
CA PRO A 47 5.35 -12.01 12.10
C PRO A 47 4.76 -10.61 12.20
N ARG A 48 3.63 -10.38 11.52
CA ARG A 48 2.93 -9.08 11.64
C ARG A 48 1.42 -9.22 11.84
N ALA A 49 0.94 -10.46 11.82
CA ALA A 49 -0.46 -10.77 12.10
C ALA A 49 -0.47 -11.89 13.13
N PRO A 50 -1.42 -11.87 14.10
CA PRO A 50 -1.40 -12.87 15.15
C PRO A 50 -1.57 -14.30 14.65
N TRP A 51 -2.29 -14.47 13.53
CA TRP A 51 -2.53 -15.82 12.98
C TRP A 51 -1.31 -16.46 12.32
N ILE A 52 -0.26 -15.69 12.10
CA ILE A 52 0.95 -16.29 11.52
C ILE A 52 1.86 -16.86 12.62
N GLU A 53 1.67 -16.35 13.85
CA GLU A 53 2.44 -16.76 15.03
C GLU A 53 2.20 -18.23 15.38
N GLN A 54 1.10 -18.78 14.88
CA GLN A 54 0.79 -20.21 15.00
C GLN A 54 1.85 -21.05 14.31
N GLU A 55 2.46 -20.50 13.27
CA GLU A 55 3.49 -21.20 12.51
C GLU A 55 4.76 -21.33 13.32
N GLY A 56 5.47 -22.43 13.13
CA GLY A 56 6.56 -22.79 14.02
C GLY A 56 7.96 -22.44 13.55
N PRO A 57 8.97 -22.92 14.29
CA PRO A 57 10.38 -22.57 14.10
C PRO A 57 10.91 -22.85 12.70
N GLU A 58 10.54 -24.01 12.14
CA GLU A 58 10.99 -24.40 10.80
C GLU A 58 10.43 -23.49 9.71
N TYR A 59 9.16 -23.09 9.85
CA TYR A 59 8.59 -22.13 8.91
C TYR A 59 9.43 -20.85 8.90
N TRP A 60 9.64 -20.28 10.09
CA TRP A 60 10.44 -19.06 10.25
C TRP A 60 11.89 -19.20 9.76
N ASP A 61 12.50 -20.37 9.97
CA ASP A 61 13.88 -20.60 9.49
C ASP A 61 13.90 -20.58 7.98
N GLY A 62 12.90 -21.22 7.38
CA GLY A 62 12.78 -21.32 5.93
C GLY A 62 12.43 -20.02 5.24
N GLU A 63 11.53 -19.26 5.85
CA GLU A 63 11.17 -17.94 5.32
C GLU A 63 12.35 -16.96 5.44
N THR A 64 13.14 -17.10 6.49
CA THR A 64 14.34 -16.28 6.67
C THR A 64 15.40 -16.62 5.63
N ARG A 65 15.57 -17.92 5.41
CA ARG A 65 16.51 -18.45 4.44
C ARG A 65 16.18 -17.91 3.06
N LYS A 66 14.90 -17.92 2.69
CA LYS A 66 14.50 -17.50 1.35
C LYS A 66 14.53 -15.97 1.16
N VAL A 67 14.17 -15.21 2.20
CA VAL A 67 14.13 -13.76 2.07
C VAL A 67 15.53 -13.15 2.00
N LYS A 68 16.50 -13.82 2.62
CA LYS A 68 17.90 -13.44 2.51
C LYS A 68 18.46 -13.80 1.13
N ALA A 69 18.04 -14.95 0.60
CA ALA A 69 18.43 -15.35 -0.76
C ALA A 69 17.87 -14.38 -1.82
N HIS A 70 16.65 -13.88 -1.60
CA HIS A 70 16.05 -12.79 -2.41
C HIS A 70 16.88 -11.51 -2.39
N SER A 71 17.34 -11.11 -1.20
CA SER A 71 18.10 -9.86 -1.06
C SER A 71 19.47 -9.90 -1.71
N GLN A 72 20.11 -11.08 -1.71
CA GLN A 72 21.41 -11.26 -2.38
C GLN A 72 21.24 -11.10 -3.87
N THR A 73 20.31 -11.87 -4.44
CA THR A 73 19.79 -11.71 -5.81
C THR A 73 19.58 -10.24 -6.19
N HIS A 74 18.89 -9.50 -5.34
CA HIS A 74 18.70 -8.07 -5.58
C HIS A 74 20.00 -7.25 -5.53
N ARG A 75 20.89 -7.62 -4.61
CA ARG A 75 22.22 -7.00 -4.57
C ARG A 75 22.96 -7.23 -5.88
N VAL A 76 23.02 -8.46 -6.35
CA VAL A 76 23.64 -8.77 -7.64
C VAL A 76 23.00 -7.97 -8.77
N ASP A 77 21.66 -7.89 -8.75
CA ASP A 77 20.87 -7.19 -9.78
C ASP A 77 21.20 -5.70 -9.91
N LEU A 78 21.34 -5.02 -8.77
CA LEU A 78 21.66 -3.61 -8.76
C LEU A 78 23.01 -3.34 -9.40
N GLY A 79 23.98 -4.20 -9.08
CA GLY A 79 25.28 -4.18 -9.76
C GLY A 79 25.21 -4.42 -11.26
N THR A 80 24.43 -5.41 -11.68
CA THR A 80 24.31 -5.77 -13.12
C THR A 80 23.51 -4.76 -13.93
N LEU A 81 22.47 -4.20 -13.32
CA LEU A 81 21.66 -3.18 -13.99
C LEU A 81 22.41 -1.87 -14.14
N ARG A 82 23.38 -1.63 -13.27
CA ARG A 82 24.25 -0.46 -13.37
C ARG A 82 25.07 -0.52 -14.67
N GLY A 83 25.73 -1.65 -14.89
CA GLY A 83 26.43 -1.92 -16.12
C GLY A 83 25.48 -1.84 -17.31
N TYR A 84 24.44 -2.66 -17.31
CA TYR A 84 23.45 -2.67 -18.41
C TYR A 84 23.13 -1.28 -18.91
N TYR A 85 22.92 -0.36 -17.96
CA TYR A 85 22.49 1.00 -18.28
C TYR A 85 23.58 2.09 -18.31
N ASN A 86 24.85 1.67 -18.29
CA ASN A 86 26.00 2.59 -18.31
C ASN A 86 25.97 3.65 -17.18
N GLN A 87 25.63 3.23 -15.96
CA GLN A 87 25.49 4.18 -14.85
C GLN A 87 26.72 4.22 -13.93
N SER A 88 26.88 5.32 -13.20
CA SER A 88 28.02 5.50 -12.31
C SER A 88 27.87 4.82 -10.93
N GLU A 89 29.00 4.60 -10.26
CA GLU A 89 29.03 4.06 -8.90
C GLU A 89 28.44 5.00 -7.87
N ALA A 90 28.15 6.24 -8.26
CA ALA A 90 27.74 7.26 -7.32
C ALA A 90 26.23 7.35 -7.07
N GLY A 91 25.44 7.03 -8.10
CA GLY A 91 23.97 7.11 -7.99
C GLY A 91 23.36 6.06 -7.08
N SER A 92 22.36 6.44 -6.30
CA SER A 92 21.53 5.47 -5.59
C SER A 92 20.46 4.95 -6.54
N HIS A 93 20.18 3.67 -6.52
CA HIS A 93 19.18 3.10 -7.43
C HIS A 93 18.32 2.04 -6.71
N THR A 94 17.18 1.72 -7.32
CA THR A 94 16.15 0.87 -6.73
C THR A 94 15.77 -0.32 -7.62
N VAL A 95 15.68 -1.51 -7.04
CA VAL A 95 14.96 -2.61 -7.69
C VAL A 95 13.70 -2.99 -6.89
N GLN A 96 12.64 -3.33 -7.62
CA GLN A 96 11.37 -3.75 -7.03
C GLN A 96 10.85 -5.00 -7.71
N ARG A 97 10.43 -5.95 -6.88
CA ARG A 97 9.77 -7.16 -7.32
C ARG A 97 8.40 -7.33 -6.64
N MET A 98 7.40 -7.75 -7.40
CA MET A 98 6.15 -8.15 -6.80
C MET A 98 5.76 -9.52 -7.31
N TYR A 99 5.33 -10.40 -6.42
CA TYR A 99 4.63 -11.62 -6.86
C TYR A 99 3.52 -12.14 -5.93
N GLY A 100 2.66 -12.97 -6.51
CA GLY A 100 1.48 -13.43 -5.78
C GLY A 100 0.47 -14.19 -6.61
N CYS A 101 -0.59 -14.65 -5.93
CA CYS A 101 -1.69 -15.39 -6.56
C CYS A 101 -3.00 -14.81 -6.08
N ASP A 102 -3.98 -14.85 -6.99
CA ASP A 102 -5.38 -14.51 -6.75
C ASP A 102 -6.23 -15.76 -6.80
N VAL A 103 -7.23 -15.83 -5.92
CA VAL A 103 -8.16 -16.95 -5.94
C VAL A 103 -9.60 -16.42 -5.88
N GLY A 104 -10.53 -17.15 -6.53
CA GLY A 104 -11.94 -16.76 -6.59
C GLY A 104 -12.64 -17.19 -5.32
N SER A 105 -13.95 -16.98 -5.23
CA SER A 105 -14.71 -17.28 -3.98
C SER A 105 -14.60 -18.74 -3.54
N ASP A 106 -14.32 -19.61 -4.48
CA ASP A 106 -14.15 -21.01 -4.25
C ASP A 106 -12.75 -21.31 -3.72
N TRP A 107 -11.86 -20.33 -3.88
CA TRP A 107 -10.48 -20.43 -3.43
C TRP A 107 -9.61 -21.15 -4.46
N ARG A 108 -10.02 -21.15 -5.72
CA ARG A 108 -9.29 -21.86 -6.79
C ARG A 108 -8.52 -20.88 -7.66
N PHE A 109 -7.34 -21.30 -8.11
CA PHE A 109 -6.49 -20.43 -8.92
C PHE A 109 -7.29 -19.66 -9.95
N LEU A 110 -7.17 -18.33 -9.90
CA LEU A 110 -7.67 -17.43 -10.92
C LEU A 110 -6.54 -16.83 -11.76
N ARG A 111 -5.53 -16.31 -11.08
CA ARG A 111 -4.47 -15.49 -11.70
C ARG A 111 -3.19 -15.56 -10.88
N GLY A 112 -2.06 -15.51 -11.57
CA GLY A 112 -0.74 -15.44 -10.95
C GLY A 112 0.03 -14.23 -11.47
N TYR A 113 1.05 -13.80 -10.72
CA TYR A 113 1.79 -12.56 -10.97
C TYR A 113 3.27 -12.67 -10.62
N HIS A 114 4.11 -12.05 -11.44
CA HIS A 114 5.52 -11.88 -11.15
C HIS A 114 6.07 -10.74 -11.99
N GLN A 115 6.39 -9.61 -11.35
CA GLN A 115 6.87 -8.42 -12.05
C GLN A 115 8.01 -7.67 -11.32
N TYR A 116 8.82 -6.95 -12.10
CA TYR A 116 10.12 -6.44 -11.65
C TYR A 116 10.32 -5.05 -12.25
N ALA A 117 10.83 -4.12 -11.43
CA ALA A 117 11.08 -2.74 -11.83
C ALA A 117 12.49 -2.28 -11.45
N TYR A 118 13.02 -1.35 -12.25
CA TYR A 118 14.31 -0.73 -11.96
C TYR A 118 14.12 0.77 -12.02
N ASP A 119 14.38 1.43 -10.91
CA ASP A 119 14.11 2.85 -10.74
C ASP A 119 12.68 3.24 -11.08
N GLY A 120 11.75 2.38 -10.72
CA GLY A 120 10.31 2.70 -10.84
C GLY A 120 9.68 2.46 -12.19
N LYS A 121 10.44 1.90 -13.14
CA LYS A 121 9.98 1.62 -14.51
C LYS A 121 9.83 0.11 -14.75
N ASP A 122 8.78 -0.30 -15.46
CA ASP A 122 8.68 -1.67 -15.95
C ASP A 122 10.04 -2.11 -16.47
N TYR A 123 10.54 -3.22 -15.94
CA TYR A 123 11.71 -3.88 -16.47
C TYR A 123 11.27 -5.19 -17.18
N ILE A 124 10.78 -6.15 -16.39
CA ILE A 124 10.33 -7.44 -16.88
C ILE A 124 9.18 -8.00 -16.03
N ALA A 125 8.18 -8.58 -16.68
CA ALA A 125 7.04 -9.20 -16.01
C ALA A 125 6.68 -10.55 -16.63
N LEU A 126 6.20 -11.46 -15.81
CA LEU A 126 5.61 -12.68 -16.30
C LEU A 126 4.23 -12.37 -16.88
N LYS A 127 3.99 -12.76 -18.14
CA LYS A 127 2.64 -12.65 -18.76
C LYS A 127 1.63 -13.57 -18.10
N GLU A 128 0.35 -13.19 -18.12
CA GLU A 128 -0.74 -13.95 -17.51
C GLU A 128 -0.78 -15.45 -17.82
N ASP A 129 -0.31 -15.86 -18.99
CA ASP A 129 -0.22 -17.28 -19.32
C ASP A 129 0.83 -18.02 -18.48
N LEU A 130 1.66 -17.24 -17.77
CA LEU A 130 2.77 -17.73 -16.94
C LEU A 130 3.77 -18.58 -17.74
N ARG A 131 3.86 -18.30 -19.03
CA ARG A 131 4.71 -19.09 -19.92
C ARG A 131 5.76 -18.26 -20.65
N SER A 132 5.58 -16.93 -20.61
CA SER A 132 6.44 -16.02 -21.36
C SER A 132 6.52 -14.65 -20.69
N TRP A 133 7.30 -13.75 -21.29
CA TRP A 133 7.76 -12.55 -20.61
C TRP A 133 7.51 -11.27 -21.39
N THR A 134 7.29 -10.18 -20.66
CA THR A 134 7.25 -8.81 -21.22
C THR A 134 8.52 -8.14 -20.73
N ALA A 135 9.45 -7.94 -21.66
CA ALA A 135 10.70 -7.26 -21.42
C ALA A 135 10.57 -5.86 -22.01
N ALA A 136 10.60 -4.83 -21.15
CA ALA A 136 10.34 -3.45 -21.57
C ALA A 136 11.36 -2.87 -22.55
N ASP A 137 12.65 -3.23 -22.39
CA ASP A 137 13.70 -2.67 -23.26
C ASP A 137 14.77 -3.70 -23.63
N MET A 138 15.80 -3.29 -24.38
CA MET A 138 16.84 -4.26 -24.79
C MET A 138 17.63 -4.88 -23.63
N ALA A 139 17.88 -4.11 -22.57
CA ALA A 139 18.45 -4.67 -21.35
C ALA A 139 17.55 -5.81 -20.78
N ALA A 140 16.24 -5.62 -20.81
CA ALA A 140 15.31 -6.59 -20.24
C ALA A 140 15.08 -7.79 -21.18
N GLN A 141 15.37 -7.59 -22.46
CA GLN A 141 15.36 -8.66 -23.48
C GLN A 141 16.54 -9.60 -23.23
N THR A 142 17.70 -9.05 -22.91
CA THR A 142 18.83 -9.86 -22.46
C THR A 142 18.49 -10.70 -21.23
N THR A 143 17.96 -10.04 -20.20
CA THR A 143 17.47 -10.73 -19.02
C THR A 143 16.45 -11.78 -19.42
N LYS A 144 15.55 -11.42 -20.33
CA LYS A 144 14.53 -12.34 -20.79
C LYS A 144 15.15 -13.60 -21.40
N HIS A 145 16.16 -13.43 -22.26
CA HIS A 145 16.84 -14.60 -22.85
C HIS A 145 17.42 -15.52 -21.79
N LYS A 146 18.06 -14.93 -20.79
CA LYS A 146 18.66 -15.69 -19.70
C LYS A 146 17.64 -16.49 -18.88
N TRP A 147 16.44 -15.94 -18.71
CA TRP A 147 15.42 -16.57 -17.88
C TRP A 147 14.66 -17.65 -18.65
N GLU A 148 14.63 -17.50 -19.98
CA GLU A 148 14.09 -18.54 -20.88
C GLU A 148 14.97 -19.77 -20.91
N ALA A 149 16.28 -19.54 -20.95
CA ALA A 149 17.26 -20.62 -20.99
C ALA A 149 17.21 -21.40 -19.68
N ALA A 150 17.04 -20.67 -18.58
CA ALA A 150 17.06 -21.26 -17.26
C ALA A 150 15.66 -21.67 -16.79
N HIS A 151 14.68 -21.58 -17.69
CA HIS A 151 13.27 -21.95 -17.44
C HIS A 151 12.67 -21.38 -16.14
N VAL A 152 12.88 -20.09 -15.90
CA VAL A 152 12.35 -19.41 -14.71
C VAL A 152 10.81 -19.50 -14.72
N ALA A 153 10.23 -19.28 -15.89
CA ALA A 153 8.77 -19.28 -16.06
C ALA A 153 8.09 -20.54 -15.56
N GLU A 154 8.71 -21.69 -15.79
CA GLU A 154 8.15 -22.99 -15.43
C GLU A 154 8.26 -23.22 -13.94
N GLN A 155 9.31 -22.67 -13.35
CA GLN A 155 9.50 -22.74 -11.90
C GLN A 155 8.48 -21.87 -11.18
N LEU A 156 8.31 -20.62 -11.63
CA LEU A 156 7.36 -19.67 -11.05
C LEU A 156 5.91 -20.06 -11.26
N ARG A 157 5.58 -20.65 -12.41
CA ARG A 157 4.22 -21.12 -12.66
C ARG A 157 3.80 -22.21 -11.67
N ALA A 158 4.76 -23.07 -11.30
CA ALA A 158 4.46 -24.12 -10.32
C ALA A 158 4.21 -23.54 -8.93
N TYR A 159 5.06 -22.62 -8.48
CA TYR A 159 4.81 -21.88 -7.23
C TYR A 159 3.45 -21.18 -7.25
N LEU A 160 3.15 -20.52 -8.36
CA LEU A 160 1.98 -19.64 -8.48
C LEU A 160 0.63 -20.36 -8.60
N GLU A 161 0.60 -21.42 -9.40
CA GLU A 161 -0.59 -22.25 -9.56
C GLU A 161 -0.69 -23.26 -8.43
N GLY A 162 0.44 -23.64 -7.85
CA GLY A 162 0.47 -24.67 -6.83
C GLY A 162 0.67 -24.15 -5.43
N THR A 163 1.94 -23.96 -5.05
CA THR A 163 2.38 -23.58 -3.71
C THR A 163 1.70 -22.32 -3.14
N CYS A 164 1.70 -21.24 -3.92
CA CYS A 164 1.13 -19.97 -3.52
C CYS A 164 -0.33 -20.11 -3.07
N VAL A 165 -1.12 -20.84 -3.85
CA VAL A 165 -2.56 -20.97 -3.57
C VAL A 165 -2.83 -21.92 -2.40
N GLU A 166 -1.94 -22.88 -2.19
CA GLU A 166 -2.03 -23.80 -1.05
C GLU A 166 -1.74 -23.10 0.27
N TRP A 167 -0.74 -22.22 0.26
CA TRP A 167 -0.41 -21.47 1.49
C TRP A 167 -1.41 -20.34 1.78
N LEU A 168 -2.02 -19.78 0.74
CA LEU A 168 -3.11 -18.81 0.93
C LEU A 168 -4.32 -19.47 1.60
N ARG A 169 -4.70 -20.66 1.11
CA ARG A 169 -5.83 -21.42 1.64
C ARG A 169 -5.63 -21.73 3.12
N ARG A 170 -4.40 -22.08 3.48
CA ARG A 170 -4.01 -22.33 4.88
C ARG A 170 -4.02 -21.05 5.72
N TYR A 171 -3.51 -19.96 5.16
CA TYR A 171 -3.60 -18.67 5.85
C TYR A 171 -5.04 -18.24 6.08
N LEU A 172 -5.90 -18.44 5.07
CA LEU A 172 -7.30 -18.02 5.16
C LEU A 172 -8.00 -18.75 6.28
N GLU A 173 -7.77 -20.06 6.34
CA GLU A 173 -8.31 -20.91 7.40
C GLU A 173 -7.81 -20.50 8.77
N ASN A 174 -6.49 -20.43 8.94
CA ASN A 174 -5.91 -20.10 10.23
C ASN A 174 -6.30 -18.70 10.71
N GLY A 175 -6.31 -17.72 9.80
CA GLY A 175 -6.75 -16.37 10.11
C GLY A 175 -8.23 -16.07 9.94
N LYS A 176 -9.06 -17.11 9.79
CA LYS A 176 -10.51 -16.95 9.50
C LYS A 176 -11.24 -15.85 10.28
N GLU A 177 -11.01 -15.79 11.59
CA GLU A 177 -11.68 -14.80 12.45
C GLU A 177 -11.67 -13.40 11.84
N THR A 178 -10.55 -13.02 11.23
CA THR A 178 -10.41 -11.69 10.63
C THR A 178 -10.38 -11.77 9.11
N LEU A 179 -9.59 -12.69 8.57
CA LEU A 179 -9.37 -12.78 7.13
C LEU A 179 -10.61 -13.06 6.33
N GLN A 180 -11.56 -13.78 6.93
CA GLN A 180 -12.80 -14.14 6.26
C GLN A 180 -13.99 -13.33 6.77
N ARG A 181 -13.68 -12.32 7.58
CA ARG A 181 -14.69 -11.39 8.07
C ARG A 181 -14.61 -10.10 7.27
N THR A 182 -15.77 -9.57 6.92
CA THR A 182 -15.85 -8.27 6.28
C THR A 182 -16.34 -7.27 7.31
N ASP A 183 -15.72 -6.10 7.34
CA ASP A 183 -16.17 -4.98 8.19
C ASP A 183 -16.84 -3.90 7.30
N ALA A 184 -18.16 -3.78 7.41
CA ALA A 184 -18.93 -2.79 6.64
C ALA A 184 -18.60 -1.36 7.03
N PRO A 185 -18.60 -0.46 6.03
CA PRO A 185 -18.36 0.94 6.27
C PRO A 185 -19.36 1.56 7.24
N LYS A 186 -18.82 2.20 8.27
CA LYS A 186 -19.60 3.10 9.09
C LYS A 186 -19.67 4.41 8.29
N THR A 187 -20.86 4.73 7.79
CA THR A 187 -21.03 5.95 6.97
C THR A 187 -21.71 7.09 7.73
N HIS A 188 -21.41 8.32 7.33
CA HIS A 188 -22.10 9.54 7.82
C HIS A 188 -21.75 10.72 6.93
N MET A 189 -22.55 11.78 7.05
CA MET A 189 -22.42 12.95 6.20
C MET A 189 -22.22 14.22 6.99
N THR A 190 -21.33 15.07 6.49
CA THR A 190 -21.00 16.34 7.13
C THR A 190 -21.28 17.52 6.20
N HIS A 191 -21.46 18.70 6.79
CA HIS A 191 -21.91 19.87 6.04
C HIS A 191 -21.08 21.08 6.38
N HIS A 192 -20.65 21.80 5.35
CA HIS A 192 -19.89 23.01 5.55
C HIS A 192 -20.29 24.10 4.55
N ALA A 193 -20.50 25.30 5.07
CA ALA A 193 -20.90 26.42 4.24
C ALA A 193 -19.68 27.21 3.86
N VAL A 194 -19.31 27.21 2.58
CA VAL A 194 -18.12 27.99 2.21
C VAL A 194 -18.42 29.50 2.33
N SER A 195 -19.58 29.91 1.82
CA SER A 195 -20.04 31.28 1.87
C SER A 195 -21.55 31.31 2.08
N ASP A 196 -22.14 32.50 1.89
CA ASP A 196 -23.58 32.72 1.92
C ASP A 196 -24.41 31.88 0.93
N HIS A 197 -23.78 31.38 -0.14
CA HIS A 197 -24.54 30.76 -1.23
C HIS A 197 -24.07 29.34 -1.66
N GLU A 198 -23.00 28.85 -1.07
CA GLU A 198 -22.34 27.66 -1.56
C GLU A 198 -21.99 26.69 -0.41
N ALA A 199 -22.55 25.48 -0.47
CA ALA A 199 -22.30 24.48 0.57
C ALA A 199 -21.35 23.39 0.09
N THR A 200 -20.69 22.71 1.03
CA THR A 200 -19.95 21.48 0.77
C THR A 200 -20.55 20.34 1.62
N LEU A 201 -20.94 19.26 0.98
CA LEU A 201 -21.37 18.04 1.69
C LEU A 201 -20.29 16.97 1.53
N ARG A 202 -19.95 16.33 2.65
CA ARG A 202 -18.95 15.28 2.64
C ARG A 202 -19.48 13.97 3.23
N CYS A 203 -19.36 12.92 2.43
CA CYS A 203 -19.86 11.58 2.75
C CYS A 203 -18.70 10.66 3.07
N TRP A 204 -18.72 10.14 4.29
CA TRP A 204 -17.60 9.43 4.89
C TRP A 204 -17.86 7.95 4.96
N ALA A 205 -16.83 7.16 4.70
CA ALA A 205 -16.90 5.74 4.94
C ALA A 205 -15.71 5.40 5.81
N LEU A 206 -16.00 4.72 6.92
CA LEU A 206 -14.99 4.42 7.92
C LEU A 206 -15.02 2.98 8.38
N SER A 207 -13.89 2.56 8.95
CA SER A 207 -13.69 1.24 9.56
C SER A 207 -13.98 0.04 8.67
N PHE A 208 -13.79 0.18 7.38
CA PHE A 208 -14.16 -0.95 6.52
C PHE A 208 -12.98 -1.81 6.16
N TYR A 209 -13.24 -3.10 6.00
CA TYR A 209 -12.29 -4.08 5.48
C TYR A 209 -13.07 -5.07 4.63
N PRO A 210 -12.58 -5.41 3.41
CA PRO A 210 -11.38 -4.97 2.68
C PRO A 210 -11.39 -3.51 2.21
N ALA A 211 -10.31 -3.10 1.55
CA ALA A 211 -10.09 -1.72 1.09
C ALA A 211 -10.92 -1.31 -0.09
N GLU A 212 -11.27 -2.26 -0.96
CA GLU A 212 -12.07 -1.95 -2.14
C GLU A 212 -13.41 -1.41 -1.70
N ILE A 213 -13.80 -0.28 -2.26
CA ILE A 213 -15.06 0.39 -1.95
C ILE A 213 -15.37 1.34 -3.10
N THR A 214 -16.65 1.66 -3.26
CA THR A 214 -17.11 2.65 -4.21
C THR A 214 -18.04 3.65 -3.51
N LEU A 215 -17.70 4.92 -3.65
CA LEU A 215 -18.44 6.05 -3.09
C LEU A 215 -18.77 7.03 -4.23
N THR A 216 -20.06 7.34 -4.41
CA THR A 216 -20.51 8.25 -5.48
C THR A 216 -21.68 9.15 -5.06
N TRP A 217 -21.74 10.34 -5.66
CA TRP A 217 -22.86 11.27 -5.49
C TRP A 217 -23.86 11.14 -6.63
N GLN A 218 -25.13 11.25 -6.29
CA GLN A 218 -26.21 11.47 -7.26
C GLN A 218 -26.91 12.81 -7.01
N ARG A 219 -27.45 13.40 -8.08
CA ARG A 219 -28.26 14.61 -8.04
C ARG A 219 -29.59 14.30 -8.69
N ASP A 220 -30.68 14.42 -7.94
CA ASP A 220 -32.03 14.17 -8.44
C ASP A 220 -32.10 12.76 -9.07
N GLY A 221 -31.29 11.85 -8.52
CA GLY A 221 -31.24 10.47 -8.99
C GLY A 221 -30.29 10.20 -10.13
N GLU A 222 -29.46 11.18 -10.51
CA GLU A 222 -28.45 10.93 -11.55
C GLU A 222 -27.04 11.20 -11.06
N ASP A 223 -26.08 10.44 -11.58
CA ASP A 223 -24.68 10.57 -11.18
C ASP A 223 -24.16 12.00 -11.34
N GLN A 224 -23.37 12.43 -10.36
CA GLN A 224 -22.77 13.75 -10.32
C GLN A 224 -21.29 13.59 -9.94
N THR A 225 -20.40 13.82 -10.89
CA THR A 225 -18.96 13.80 -10.67
C THR A 225 -18.37 15.20 -10.74
N GLN A 226 -19.09 16.08 -11.46
CA GLN A 226 -18.75 17.48 -11.53
C GLN A 226 -18.86 18.19 -10.17
N ASP A 227 -17.86 19.00 -9.85
CA ASP A 227 -17.76 19.73 -8.57
C ASP A 227 -17.67 18.78 -7.36
N THR A 228 -17.26 17.53 -7.60
CA THR A 228 -17.04 16.53 -6.55
C THR A 228 -15.56 16.23 -6.37
N GLU A 229 -15.17 15.93 -5.15
CA GLU A 229 -13.80 15.53 -4.82
C GLU A 229 -13.77 14.16 -4.12
N LEU A 230 -12.87 13.28 -4.55
CA LEU A 230 -12.73 11.96 -3.96
C LEU A 230 -11.32 11.78 -3.40
N VAL A 231 -11.17 11.38 -2.13
CA VAL A 231 -9.85 11.01 -1.62
C VAL A 231 -9.44 9.55 -1.91
N GLU A 232 -8.13 9.34 -1.97
CA GLU A 232 -7.59 7.99 -2.08
C GLU A 232 -8.00 7.25 -0.82
N THR A 233 -8.37 5.98 -0.97
CA THR A 233 -8.64 5.13 0.19
C THR A 233 -7.41 5.09 1.07
N ARG A 234 -7.60 5.22 2.38
CA ARG A 234 -6.47 5.34 3.30
C ARG A 234 -6.60 4.40 4.48
N PRO A 235 -5.45 3.90 4.98
CA PRO A 235 -5.46 3.03 6.16
C PRO A 235 -5.75 3.80 7.43
N ALA A 236 -6.62 3.30 8.31
CA ALA A 236 -6.84 3.94 9.62
C ALA A 236 -5.70 3.64 10.59
N GLY A 237 -5.06 2.49 10.41
CA GLY A 237 -3.94 2.10 11.24
C GLY A 237 -4.26 0.97 12.17
N ASP A 238 -5.56 0.71 12.34
CA ASP A 238 -5.99 -0.40 13.17
C ASP A 238 -6.37 -1.61 12.31
N GLY A 239 -6.03 -1.56 11.03
CA GLY A 239 -6.39 -2.63 10.09
C GLY A 239 -7.52 -2.26 9.13
N THR A 240 -8.28 -1.21 9.46
CA THR A 240 -9.40 -0.78 8.60
C THR A 240 -9.00 0.37 7.68
N PHE A 241 -9.93 0.79 6.82
CA PHE A 241 -9.69 1.83 5.83
C PHE A 241 -10.77 2.92 5.90
N GLN A 242 -10.46 4.10 5.36
CA GLN A 242 -11.38 5.23 5.33
C GLN A 242 -11.34 5.88 3.96
N LYS A 243 -12.50 6.35 3.50
CA LYS A 243 -12.59 7.19 2.35
C LYS A 243 -13.67 8.20 2.59
N TRP A 244 -13.57 9.31 1.87
CA TRP A 244 -14.67 10.21 1.71
C TRP A 244 -14.73 10.70 0.27
N VAL A 245 -15.93 11.15 -0.12
CA VAL A 245 -16.15 11.89 -1.35
C VAL A 245 -17.01 13.08 -1.02
N ALA A 246 -16.83 14.18 -1.74
CA ALA A 246 -17.50 15.42 -1.35
C ALA A 246 -18.01 16.16 -2.57
N VAL A 247 -19.17 16.78 -2.45
CA VAL A 247 -19.73 17.61 -3.50
C VAL A 247 -20.02 19.04 -3.00
N VAL A 248 -19.85 20.02 -3.89
CA VAL A 248 -20.18 21.41 -3.59
C VAL A 248 -21.51 21.71 -4.25
N VAL A 249 -22.44 22.21 -3.46
CA VAL A 249 -23.81 22.42 -3.88
C VAL A 249 -24.26 23.84 -3.49
N PRO A 250 -25.29 24.39 -4.19
CA PRO A 250 -25.89 25.64 -3.77
C PRO A 250 -26.50 25.50 -2.38
N SER A 251 -26.29 26.52 -1.55
CA SER A 251 -26.90 26.53 -0.23
C SER A 251 -28.42 26.42 -0.36
N GLY A 252 -29.01 25.55 0.44
CA GLY A 252 -30.46 25.35 0.45
C GLY A 252 -30.90 24.13 -0.35
N GLN A 253 -30.06 23.65 -1.26
CA GLN A 253 -30.45 22.57 -2.18
C GLN A 253 -29.87 21.23 -1.77
N GLU A 254 -29.48 21.14 -0.51
CA GLU A 254 -28.77 19.97 0.00
C GLU A 254 -29.58 18.67 -0.11
N GLN A 255 -30.90 18.76 -0.13
CA GLN A 255 -31.75 17.56 -0.22
C GLN A 255 -31.88 16.91 -1.62
N ARG A 256 -31.32 17.52 -2.67
CA ARG A 256 -31.31 16.90 -4.01
C ARG A 256 -30.22 15.85 -4.13
N TYR A 257 -29.24 15.93 -3.24
CA TYR A 257 -28.05 15.08 -3.34
C TYR A 257 -28.08 13.88 -2.39
N THR A 258 -27.67 12.74 -2.92
CA THR A 258 -27.53 11.51 -2.17
C THR A 258 -26.19 10.88 -2.46
N CYS A 259 -25.64 10.24 -1.42
CA CYS A 259 -24.37 9.54 -1.47
C CYS A 259 -24.61 8.03 -1.55
N HIS A 260 -23.92 7.38 -2.48
CA HIS A 260 -24.07 5.94 -2.70
C HIS A 260 -22.77 5.21 -2.36
N VAL A 261 -22.90 4.15 -1.56
CA VAL A 261 -21.79 3.41 -1.01
C VAL A 261 -21.95 1.95 -1.36
N GLN A 262 -20.90 1.38 -1.94
CA GLN A 262 -20.88 -0.02 -2.37
C GLN A 262 -19.66 -0.72 -1.77
N HIS A 263 -19.90 -1.87 -1.11
CA HIS A 263 -18.86 -2.62 -0.39
C HIS A 263 -19.25 -4.10 -0.16
N GLU A 264 -18.28 -5.00 -0.20
CA GLU A 264 -18.52 -6.44 0.00
C GLU A 264 -19.28 -6.78 1.27
N GLY A 265 -19.11 -5.96 2.31
CA GLY A 265 -19.68 -6.24 3.63
C GLY A 265 -21.11 -5.77 3.84
N LEU A 266 -21.65 -5.07 2.84
CA LEU A 266 -23.06 -4.71 2.77
C LEU A 266 -23.76 -5.67 1.80
N PRO A 267 -24.89 -6.28 2.21
CA PRO A 267 -25.57 -7.24 1.34
C PRO A 267 -26.27 -6.52 0.21
N LYS A 268 -26.46 -5.22 0.39
CA LYS A 268 -27.02 -4.32 -0.62
C LYS A 268 -26.46 -2.90 -0.39
N PRO A 269 -26.30 -2.12 -1.50
CA PRO A 269 -25.74 -0.76 -1.46
C PRO A 269 -26.52 0.22 -0.60
N LEU A 270 -25.76 1.11 0.05
CA LEU A 270 -26.27 2.14 0.97
C LEU A 270 -26.52 3.48 0.27
N THR A 271 -27.54 4.20 0.75
CA THR A 271 -27.83 5.57 0.32
C THR A 271 -27.94 6.51 1.53
N LEU A 272 -27.27 7.66 1.46
CA LEU A 272 -27.29 8.66 2.53
C LEU A 272 -27.83 10.03 2.08
N ARG A 273 -28.52 10.73 2.99
CA ARG A 273 -29.09 12.06 2.71
C ARG A 273 -28.74 13.04 3.83
N TRP A 274 -28.69 14.34 3.52
CA TRP A 274 -28.48 15.36 4.56
C TRP A 274 -29.80 15.86 5.13
N GLU A 275 -30.04 15.55 6.40
CA GLU A 275 -31.31 15.87 7.06
C GLU A 275 -31.33 17.31 7.54
N MET B 1 15.65 9.60 -14.90
CA MET B 1 14.97 8.81 -13.83
C MET B 1 13.62 9.45 -13.50
N ILE B 2 12.65 8.64 -13.08
CA ILE B 2 11.34 9.19 -12.74
C ILE B 2 11.32 9.49 -11.26
N GLN B 3 11.02 10.74 -10.94
CA GLN B 3 10.86 11.15 -9.55
C GLN B 3 9.43 11.62 -9.41
N ARG B 4 8.66 10.89 -8.61
CA ARG B 4 7.25 11.18 -8.36
C ARG B 4 7.07 11.84 -6.99
N THR B 5 6.28 12.92 -6.97
CA THR B 5 6.06 13.67 -5.75
C THR B 5 5.07 12.97 -4.80
N PRO B 6 5.29 13.08 -3.48
CA PRO B 6 4.35 12.46 -2.56
C PRO B 6 3.00 13.15 -2.47
N LYS B 7 1.92 12.37 -2.40
CA LYS B 7 0.61 12.88 -1.98
C LYS B 7 0.51 12.73 -0.48
N ILE B 8 -0.09 13.70 0.20
CA ILE B 8 -0.18 13.65 1.65
C ILE B 8 -1.63 13.74 2.07
N GLN B 9 -2.04 12.84 2.98
CA GLN B 9 -3.26 13.02 3.77
C GLN B 9 -2.89 12.96 5.25
N VAL B 10 -3.42 13.89 6.04
CA VAL B 10 -3.24 13.92 7.48
C VAL B 10 -4.61 13.80 8.12
N TYR B 11 -4.76 12.85 9.04
CA TYR B 11 -6.08 12.55 9.61
C TYR B 11 -5.93 11.78 10.93
N SER B 12 -7.01 11.67 11.67
CA SER B 12 -7.06 10.87 12.90
C SER B 12 -7.66 9.49 12.59
N ARG B 13 -7.31 8.48 13.38
CA ARG B 13 -7.92 7.16 13.23
C ARG B 13 -9.42 7.20 13.51
N HIS B 14 -9.79 7.61 14.72
CA HIS B 14 -11.20 7.71 15.13
C HIS B 14 -11.63 9.18 15.07
N PRO B 15 -12.95 9.45 15.12
CA PRO B 15 -13.40 10.85 14.99
C PRO B 15 -12.95 11.75 16.15
N ALA B 16 -12.72 13.03 15.84
CA ALA B 16 -12.02 13.94 16.76
C ALA B 16 -12.82 14.41 17.98
N GLU B 17 -12.35 14.01 19.16
CA GLU B 17 -12.97 14.42 20.41
C GLU B 17 -11.91 14.75 21.48
N ASN B 18 -11.98 15.98 21.96
CA ASN B 18 -11.15 16.48 23.06
C ASN B 18 -11.24 15.64 24.33
N GLY B 19 -10.10 15.07 24.73
CA GLY B 19 -10.01 14.23 25.93
C GLY B 19 -9.93 12.72 25.71
N LYS B 20 -9.78 12.28 24.46
CA LYS B 20 -9.74 10.85 24.18
C LYS B 20 -8.53 10.41 23.36
N SER B 21 -7.80 9.44 23.91
CA SER B 21 -6.53 8.91 23.42
C SER B 21 -6.48 8.39 21.95
N ASN B 22 -6.77 9.29 20.98
CA ASN B 22 -6.75 9.03 19.52
C ASN B 22 -5.35 8.81 18.91
N PHE B 23 -5.31 8.66 17.58
CA PHE B 23 -4.05 8.56 16.84
C PHE B 23 -4.06 9.49 15.62
N LEU B 24 -2.98 10.26 15.47
CA LEU B 24 -2.82 11.13 14.30
C LEU B 24 -1.98 10.41 13.28
N ASN B 25 -2.49 10.36 12.04
CA ASN B 25 -1.84 9.72 10.91
C ASN B 25 -1.41 10.70 9.85
N CYS B 26 -0.26 10.40 9.24
CA CYS B 26 0.16 11.02 7.99
C CYS B 26 0.45 9.99 6.91
N TYR B 27 -0.49 9.86 5.98
CA TYR B 27 -0.36 8.89 4.91
C TYR B 27 0.31 9.56 3.73
N VAL B 28 1.46 9.03 3.34
CA VAL B 28 2.12 9.51 2.14
C VAL B 28 2.15 8.38 1.11
N SER B 29 1.91 8.73 -0.15
CA SER B 29 1.83 7.73 -1.20
C SER B 29 2.28 8.33 -2.52
N GLY B 30 2.40 7.50 -3.55
CA GLY B 30 2.63 7.97 -4.91
C GLY B 30 3.97 8.61 -5.20
N PHE B 31 4.98 8.26 -4.43
CA PHE B 31 6.25 8.93 -4.58
C PHE B 31 7.30 7.93 -4.97
N HIS B 32 8.32 8.42 -5.66
CA HIS B 32 9.50 7.65 -6.02
C HIS B 32 10.61 8.66 -6.18
N PRO B 33 11.83 8.33 -5.74
CA PRO B 33 12.26 7.15 -4.99
C PRO B 33 11.79 7.10 -3.52
N SER B 34 12.18 6.03 -2.82
CA SER B 34 11.63 5.73 -1.48
C SER B 34 12.18 6.57 -0.34
N ASP B 35 13.22 7.36 -0.58
CA ASP B 35 13.74 8.19 0.48
C ASP B 35 12.81 9.36 0.69
N ILE B 36 12.43 9.58 1.94
CA ILE B 36 11.42 10.59 2.26
C ILE B 36 11.57 11.00 3.72
N GLU B 37 11.19 12.24 4.02
CA GLU B 37 11.23 12.73 5.41
C GLU B 37 9.86 13.19 5.84
N VAL B 38 9.36 12.59 6.91
CA VAL B 38 8.03 12.86 7.36
C VAL B 38 8.06 13.18 8.87
N ASP B 39 7.55 14.34 9.22
CA ASP B 39 7.41 14.75 10.63
C ASP B 39 5.97 15.04 10.95
N LEU B 40 5.46 14.46 12.02
CA LEU B 40 4.19 14.92 12.58
C LEU B 40 4.50 16.07 13.55
N LEU B 41 3.70 17.13 13.51
CA LEU B 41 3.94 18.35 14.32
C LEU B 41 2.83 18.65 15.31
N LYS B 42 3.20 18.98 16.55
CA LYS B 42 2.28 19.59 17.53
C LYS B 42 2.70 21.02 17.81
N ASN B 43 1.79 21.96 17.55
CA ASN B 43 2.09 23.40 17.57
C ASN B 43 3.46 23.78 16.97
N GLY B 44 3.67 23.40 15.71
CA GLY B 44 4.88 23.73 14.95
C GLY B 44 6.12 22.93 15.32
N GLU B 45 6.07 22.32 16.50
CA GLU B 45 7.18 21.55 17.07
C GLU B 45 7.07 20.06 16.78
N ARG B 46 8.20 19.46 16.41
CA ARG B 46 8.27 18.08 15.94
C ARG B 46 8.02 17.08 17.06
N ILE B 47 7.10 16.14 16.80
CA ILE B 47 6.76 15.08 17.76
C ILE B 47 7.82 13.97 17.69
N GLU B 48 8.15 13.39 18.85
CA GLU B 48 9.28 12.46 18.99
C GLU B 48 8.90 10.98 18.90
N LYS B 49 7.70 10.65 19.37
CA LYS B 49 7.27 9.25 19.46
C LYS B 49 6.50 8.82 18.19
N VAL B 50 7.14 8.96 17.04
CA VAL B 50 6.48 8.70 15.75
C VAL B 50 6.93 7.41 15.07
N GLU B 51 5.95 6.53 14.83
CA GLU B 51 6.17 5.23 14.19
C GLU B 51 5.70 5.28 12.75
N HIS B 52 6.16 4.34 11.93
CA HIS B 52 5.69 4.25 10.57
C HIS B 52 5.65 2.78 10.11
N SER B 53 4.92 2.53 9.02
CA SER B 53 4.70 1.19 8.50
C SER B 53 5.87 0.70 7.69
N ASP B 54 5.86 -0.60 7.41
CA ASP B 54 6.84 -1.20 6.52
C ASP B 54 6.60 -0.70 5.11
N LEU B 55 7.68 -0.35 4.42
CA LEU B 55 7.59 0.22 3.07
C LEU B 55 6.98 -0.74 2.06
N SER B 56 5.95 -0.29 1.36
CA SER B 56 5.44 -1.06 0.24
C SER B 56 5.14 -0.12 -0.91
N PHE B 57 4.57 -0.67 -1.97
CA PHE B 57 4.32 0.10 -3.15
C PHE B 57 3.10 -0.44 -3.91
N SER B 58 2.58 0.42 -4.77
CA SER B 58 1.38 0.21 -5.56
C SER B 58 1.80 -0.45 -6.84
N LYS B 59 0.81 -0.75 -7.69
CA LYS B 59 0.99 -1.49 -8.94
C LYS B 59 1.82 -0.69 -9.94
N ASP B 60 1.71 0.63 -9.88
CA ASP B 60 2.51 1.51 -10.70
C ASP B 60 3.93 1.68 -10.16
N TRP B 61 4.26 0.95 -9.09
CA TRP B 61 5.59 0.96 -8.44
C TRP B 61 5.80 2.10 -7.44
N SER B 62 4.82 2.98 -7.29
CA SER B 62 4.98 4.10 -6.35
C SER B 62 4.79 3.64 -4.90
N PHE B 63 5.57 4.24 -4.02
CA PHE B 63 5.70 3.79 -2.65
C PHE B 63 4.68 4.44 -1.80
N TYR B 64 4.33 3.79 -0.69
CA TYR B 64 3.46 4.40 0.31
C TYR B 64 3.90 4.08 1.73
N LEU B 65 3.66 5.02 2.64
CA LEU B 65 3.96 4.84 4.05
C LEU B 65 2.91 5.49 4.93
N LEU B 66 2.65 4.90 6.08
CA LEU B 66 1.86 5.55 7.11
C LEU B 66 2.70 5.90 8.33
N TYR B 67 2.73 7.18 8.68
CA TYR B 67 3.30 7.60 9.94
C TYR B 67 2.15 7.83 10.87
N TYR B 68 2.38 7.62 12.16
CA TYR B 68 1.34 7.82 13.15
C TYR B 68 1.97 7.94 14.54
N THR B 69 1.25 8.65 15.40
CA THR B 69 1.60 8.83 16.80
C THR B 69 0.30 8.82 17.62
N GLU B 70 0.37 8.29 18.83
CA GLU B 70 -0.76 8.34 19.75
C GLU B 70 -0.87 9.78 20.23
N PHE B 71 -2.08 10.32 20.25
CA PHE B 71 -2.34 11.75 20.47
C PHE B 71 -3.74 12.08 21.02
N THR B 72 -3.96 13.35 21.36
CA THR B 72 -5.20 13.81 22.00
C THR B 72 -5.53 15.26 21.63
N PRO B 73 -6.60 15.46 20.83
CA PRO B 73 -6.99 16.77 20.31
C PRO B 73 -7.39 17.80 21.38
N THR B 74 -7.35 19.07 20.99
CA THR B 74 -7.79 20.21 21.82
C THR B 74 -8.29 21.30 20.87
N GLU B 75 -8.99 22.28 21.43
CA GLU B 75 -9.34 23.48 20.68
C GLU B 75 -8.10 24.36 20.47
N LYS B 76 -7.20 24.37 21.45
CA LYS B 76 -5.99 25.20 21.35
C LYS B 76 -4.95 24.61 20.39
N ASP B 77 -4.35 23.49 20.78
CA ASP B 77 -3.29 22.84 20.02
C ASP B 77 -3.71 22.51 18.60
N GLU B 78 -2.77 22.70 17.69
CA GLU B 78 -2.97 22.44 16.29
C GLU B 78 -1.92 21.44 15.79
N TYR B 79 -2.31 20.64 14.80
CA TYR B 79 -1.46 19.56 14.29
C TYR B 79 -1.23 19.67 12.80
N ALA B 80 -0.21 18.96 12.33
CA ALA B 80 0.24 19.02 10.93
C ALA B 80 1.24 17.91 10.64
N CYS B 81 1.44 17.61 9.37
CA CYS B 81 2.48 16.69 8.94
C CYS B 81 3.44 17.43 8.01
N ARG B 82 4.74 17.24 8.22
CA ARG B 82 5.75 17.93 7.42
C ARG B 82 6.57 16.93 6.60
N VAL B 83 6.60 17.15 5.29
CA VAL B 83 7.20 16.20 4.35
C VAL B 83 8.30 16.77 3.45
N ASN B 84 9.47 16.18 3.50
CA ASN B 84 10.49 16.52 2.52
C ASN B 84 10.85 15.31 1.67
N HIS B 85 11.11 15.57 0.39
CA HIS B 85 11.37 14.53 -0.61
C HIS B 85 12.17 15.19 -1.73
N VAL B 86 12.83 14.40 -2.56
CA VAL B 86 13.71 14.96 -3.58
C VAL B 86 12.94 15.89 -4.52
N THR B 87 11.71 15.52 -4.85
CA THR B 87 10.79 16.29 -5.70
C THR B 87 10.32 17.59 -5.06
N LEU B 88 10.71 17.80 -3.80
CA LEU B 88 10.26 18.96 -3.04
C LEU B 88 11.40 19.94 -2.78
N SER B 89 11.19 21.20 -3.18
CA SER B 89 12.17 22.28 -3.06
C SER B 89 12.06 22.95 -1.70
N GLN B 90 10.83 23.04 -1.22
CA GLN B 90 10.55 23.41 0.17
C GLN B 90 9.76 22.25 0.79
N PRO B 91 9.94 21.98 2.11
CA PRO B 91 9.12 20.94 2.74
C PRO B 91 7.63 21.30 2.68
N LYS B 92 6.78 20.32 2.40
CA LYS B 92 5.34 20.54 2.37
C LYS B 92 4.75 20.29 3.75
N ILE B 93 4.11 21.30 4.32
CA ILE B 93 3.38 21.13 5.59
C ILE B 93 1.88 21.11 5.30
N VAL B 94 1.22 20.00 5.65
CA VAL B 94 -0.24 19.91 5.51
C VAL B 94 -0.88 19.92 6.89
N LYS B 95 -1.72 20.92 7.12
CA LYS B 95 -2.39 21.10 8.40
C LYS B 95 -3.47 20.06 8.59
N TRP B 96 -3.58 19.54 9.81
CA TRP B 96 -4.71 18.70 10.12
C TRP B 96 -5.98 19.54 10.33
N ASP B 97 -7.10 18.95 9.98
CA ASP B 97 -8.37 19.62 9.87
C ASP B 97 -9.37 18.51 10.20
N ARG B 98 -9.88 18.56 11.42
CA ARG B 98 -10.73 17.49 11.96
C ARG B 98 -11.96 17.14 11.11
N ASP B 99 -12.24 17.98 10.11
CA ASP B 99 -13.37 17.75 9.21
C ASP B 99 -13.00 17.05 7.88
N MET B 100 -11.71 16.71 7.74
CA MET B 100 -11.19 16.02 6.55
C MET B 100 -10.33 14.79 6.92
N GLU C 1 3.76 -18.51 1.88
CA GLU C 1 5.23 -18.68 1.89
C GLU C 1 5.88 -18.13 0.62
N LEU C 2 7.14 -17.69 0.76
CA LEU C 2 7.93 -17.20 -0.37
C LEU C 2 8.30 -18.31 -1.33
N ALA C 3 8.49 -17.93 -2.59
CA ALA C 3 9.00 -18.83 -3.64
C ALA C 3 10.40 -19.31 -3.33
N GLY C 4 10.61 -20.62 -3.43
CA GLY C 4 11.93 -21.22 -3.22
C GLY C 4 12.74 -21.34 -4.50
N TRP C 5 12.07 -21.13 -5.61
CA TRP C 5 12.61 -21.38 -6.95
C TRP C 5 12.05 -20.36 -7.91
N GLY C 6 12.91 -19.88 -8.80
CA GLY C 6 12.47 -18.98 -9.85
C GLY C 6 12.76 -17.52 -9.54
N ILE C 7 13.53 -17.27 -8.48
CA ILE C 7 13.98 -15.90 -8.21
C ILE C 7 15.42 -15.92 -8.64
N LEU C 8 15.65 -15.54 -9.90
CA LEU C 8 17.00 -15.52 -10.45
C LEU C 8 17.48 -14.10 -10.63
N THR C 9 18.78 -13.94 -10.74
CA THR C 9 19.39 -12.68 -11.08
C THR C 9 19.14 -12.30 -12.55
N VAL C 10 19.07 -10.99 -12.83
CA VAL C 10 18.79 -10.48 -14.19
C VAL C 10 20.02 -10.49 -15.11
#